data_4OP4
#
_entry.id   4OP4
#
_cell.length_a   49.898
_cell.length_b   49.898
_cell.length_c   231.762
_cell.angle_alpha   90.00
_cell.angle_beta   90.00
_cell.angle_gamma   120.00
#
_symmetry.space_group_name_H-M   'P 32'
#
loop_
_entity.id
_entity.type
_entity.pdbx_description
1 polymer 'Succinyl-diaminopimelate desuccinylase'
2 non-polymer 1,2-ETHANEDIOL
3 non-polymer 'ZINC ION'
4 non-polymer GLYCEROL
5 non-polymer 1,4-BUTANEDIOL
6 water water
#
_entity_poly.entity_id   1
_entity_poly.type   'polypeptide(L)'
_entity_poly.pdbx_seq_one_letter_code
;SNATDSPVLALAKELISRQSVTPADAGCQDLMIERLKALGFEIESMVFEDTTNFWARRGTQSPLFVFAGHTDVVPAGPLS
QWHTPPFEPTVIDGFLHGRGAADMKGSLACMIVAVERFIAEHPDHQGSIGFLITSDEEGPFINGTVRVVETLMARNELID
MCIVGEPSSTLAVGDVVKNGRRGGGFLTDTGELLAAVVAAVEEVNHQAPALLTTGGTSDGRFIAQMGAQVVELGPVNATI
HKVNECVRIADLEKLTDMYQKTLNHLLG
;
_entity_poly.pdbx_strand_id   A,B
#
loop_
_chem_comp.id
_chem_comp.type
_chem_comp.name
_chem_comp.formula
BU1 non-polymer 1,4-BUTANEDIOL 'C4 H10 O2'
EDO non-polymer 1,2-ETHANEDIOL 'C2 H6 O2'
GOL non-polymer GLYCEROL 'C3 H8 O3'
ZN non-polymer 'ZINC ION' 'Zn 2'
#
# COMPACT_ATOMS: atom_id res chain seq x y z
N THR A 4 2.79 9.65 -8.33
CA THR A 4 3.33 9.34 -7.01
C THR A 4 2.86 10.42 -6.05
N ASP A 5 2.88 10.11 -4.75
CA ASP A 5 2.31 10.94 -3.67
C ASP A 5 3.18 12.17 -3.35
N SER A 6 2.61 13.14 -2.64
CA SER A 6 3.43 14.16 -2.01
C SER A 6 4.23 13.51 -0.88
N PRO A 7 5.32 14.14 -0.44
CA PRO A 7 6.06 13.54 0.68
C PRO A 7 5.19 13.47 1.95
N VAL A 8 4.21 14.35 2.06
CA VAL A 8 3.29 14.37 3.21
C VAL A 8 2.49 13.05 3.26
N LEU A 9 1.85 12.73 2.14
CA LEU A 9 0.97 11.59 2.04
C LEU A 9 1.81 10.33 2.07
N ALA A 10 2.98 10.38 1.44
CA ALA A 10 3.86 9.22 1.40
C ALA A 10 4.30 8.83 2.80
N LEU A 11 4.68 9.81 3.61
CA LEU A 11 5.14 9.51 4.96
C LEU A 11 3.99 9.10 5.86
N ALA A 12 2.83 9.75 5.71
CA ALA A 12 1.63 9.41 6.51
C ALA A 12 1.17 7.98 6.27
N LYS A 13 1.13 7.61 4.99
CA LYS A 13 0.89 6.23 4.60
C LYS A 13 1.88 5.25 5.25
N GLU A 14 3.11 5.55 5.18
CA GLU A 14 4.13 4.73 5.82
C GLU A 14 3.82 4.50 7.30
N LEU A 15 3.56 5.57 7.99
CA LEU A 15 3.29 5.47 9.43
C LEU A 15 2.06 4.61 9.68
N ILE A 16 0.99 4.89 8.93
CA ILE A 16 -0.27 4.18 9.13
C ILE A 16 -0.13 2.65 9.01
N SER A 17 0.77 2.20 8.12
CA SER A 17 0.97 0.77 7.89
C SER A 17 1.55 0.05 9.13
N ARG A 18 2.17 0.77 10.05
CA ARG A 18 2.76 0.16 11.24
C ARG A 18 1.75 0.04 12.36
N GLN A 19 1.49 -1.18 12.81
CA GLN A 19 0.37 -1.43 13.72
C GLN A 19 0.74 -1.15 15.17
N SER A 20 0.84 0.14 15.49
CA SER A 20 1.35 0.60 16.77
C SER A 20 0.27 0.80 17.80
N VAL A 21 -0.50 -0.25 18.07
CA VAL A 21 -1.52 -0.18 19.11
C VAL A 21 -0.84 -0.03 20.47
N THR A 22 -1.33 0.95 21.24
CA THR A 22 -0.77 1.35 22.54
C THR A 22 -0.43 0.16 23.42
N PRO A 23 0.78 0.14 23.99
CA PRO A 23 1.84 1.12 23.84
C PRO A 23 2.86 0.70 22.80
N ALA A 24 2.48 -0.16 21.85
CA ALA A 24 3.46 -0.63 20.86
C ALA A 24 3.79 0.51 19.89
N ASP A 25 5.07 0.64 19.53
CA ASP A 25 5.52 1.62 18.55
C ASP A 25 5.62 1.02 17.14
N ALA A 26 6.01 -0.26 17.05
CA ALA A 26 6.04 -0.96 15.76
C ALA A 26 6.95 -0.27 14.73
N GLY A 27 7.99 0.44 15.19
CA GLY A 27 8.95 1.07 14.29
C GLY A 27 8.60 2.43 13.72
N CYS A 28 7.52 3.04 14.16
CA CYS A 28 7.17 4.39 13.68
C CYS A 28 8.24 5.45 14.04
N GLN A 29 8.76 5.33 15.25
CA GLN A 29 9.74 6.28 15.71
C GLN A 29 11.03 6.14 14.94
N ASP A 30 11.45 4.90 14.64
CA ASP A 30 12.62 4.74 13.80
C ASP A 30 12.49 5.40 12.42
N LEU A 31 11.28 5.41 11.87
CA LEU A 31 11.02 6.10 10.61
C LEU A 31 11.27 7.60 10.78
N MET A 32 10.68 8.18 11.82
CA MET A 32 10.85 9.60 12.06
C MET A 32 12.32 9.91 12.35
N ILE A 33 12.97 9.04 13.13
CA ILE A 33 14.35 9.26 13.57
C ILE A 33 15.27 9.27 12.36
N GLU A 34 14.99 8.41 11.38
CA GLU A 34 15.81 8.42 10.18
C GLU A 34 15.73 9.73 9.41
N ARG A 35 14.53 10.31 9.34
CA ARG A 35 14.30 11.54 8.60
C ARG A 35 15.01 12.69 9.29
N LEU A 36 15.03 12.65 10.62
CA LEU A 36 15.54 13.76 11.41
C LEU A 36 17.06 13.67 11.50
N LYS A 37 17.59 12.46 11.50
CA LYS A 37 19.04 12.27 11.47
C LYS A 37 19.65 12.88 10.22
N ALA A 38 18.93 12.80 9.11
CA ALA A 38 19.39 13.38 7.87
C ALA A 38 19.41 14.90 7.91
N LEU A 39 18.66 15.50 8.85
CA LEU A 39 18.64 16.96 8.98
C LEU A 39 19.51 17.55 10.11
N GLY A 40 20.47 16.82 10.61
CA GLY A 40 21.31 17.35 11.66
C GLY A 40 20.80 17.14 13.08
N PHE A 41 19.64 16.51 13.25
CA PHE A 41 19.16 16.31 14.61
C PHE A 41 19.97 15.30 15.40
N GLU A 42 20.32 15.66 16.62
CA GLU A 42 20.78 14.68 17.60
C GLU A 42 19.57 13.92 18.08
N ILE A 43 19.70 12.65 18.33
CA ILE A 43 18.55 11.83 18.72
C ILE A 43 18.89 11.18 20.04
N GLU A 44 17.93 11.19 20.98
N GLU A 44 17.87 11.14 20.91
CA GLU A 44 18.06 10.40 22.19
CA GLU A 44 17.96 10.44 22.18
C GLU A 44 16.82 9.55 22.37
C GLU A 44 16.77 9.54 22.36
N SER A 45 16.96 8.23 22.17
CA SER A 45 15.86 7.30 22.44
C SER A 45 15.80 7.03 23.93
N MET A 46 14.59 6.84 24.44
CA MET A 46 14.40 6.64 25.89
C MET A 46 13.24 5.69 26.13
N VAL A 47 13.50 4.49 26.67
CA VAL A 47 12.41 3.57 26.97
C VAL A 47 12.00 3.71 28.45
N PHE A 48 10.69 3.73 28.71
CA PHE A 48 10.19 3.76 30.09
C PHE A 48 9.06 2.76 30.19
N GLU A 49 9.13 1.84 31.15
CA GLU A 49 8.11 0.79 31.25
C GLU A 49 8.14 0.07 29.92
N ASP A 50 6.97 -0.15 29.33
CA ASP A 50 6.84 -0.81 28.01
C ASP A 50 6.77 0.16 26.82
N THR A 51 7.35 1.34 26.94
CA THR A 51 7.12 2.32 25.90
C THR A 51 8.44 2.86 25.37
N THR A 52 8.50 3.13 24.07
CA THR A 52 9.64 3.80 23.50
C THR A 52 9.32 5.25 23.27
N ASN A 53 10.28 6.11 23.53
CA ASN A 53 10.09 7.53 23.34
C ASN A 53 11.29 8.03 22.65
N PHE A 54 11.22 9.22 22.06
CA PHE A 54 12.48 9.90 21.79
C PHE A 54 12.35 11.40 21.87
N TRP A 55 13.52 11.98 22.07
CA TRP A 55 13.76 13.39 22.07
C TRP A 55 14.82 13.68 21.01
N ALA A 56 14.57 14.62 20.12
CA ALA A 56 15.57 14.98 19.12
C ALA A 56 15.73 16.47 19.13
N ARG A 57 16.93 16.96 18.84
CA ARG A 57 17.13 18.40 18.85
C ARG A 57 18.08 18.84 17.78
N ARG A 58 17.76 19.93 17.13
CA ARG A 58 18.64 20.62 16.20
C ARG A 58 18.81 22.06 16.62
N GLY A 59 20.05 22.50 16.80
CA GLY A 59 20.31 23.83 17.31
C GLY A 59 20.63 23.87 18.81
N THR A 60 21.41 24.87 19.21
CA THR A 60 21.76 25.00 20.63
C THR A 60 21.25 26.29 21.27
N GLN A 61 20.65 27.17 20.47
CA GLN A 61 20.29 28.51 20.91
C GLN A 61 18.82 28.64 21.20
N SER A 62 18.51 29.59 22.07
CA SER A 62 17.12 29.95 22.42
CA SER A 62 17.13 29.97 22.43
C SER A 62 16.44 30.71 21.28
N PRO A 63 15.11 30.56 21.16
CA PRO A 63 14.22 29.69 21.94
C PRO A 63 14.23 28.23 21.48
N LEU A 64 13.84 27.32 22.37
CA LEU A 64 13.62 25.93 22.00
C LEU A 64 12.14 25.73 21.63
N PHE A 65 11.90 25.42 20.35
CA PHE A 65 10.56 25.11 19.83
C PHE A 65 10.42 23.61 19.61
N VAL A 66 9.31 23.01 20.04
CA VAL A 66 9.21 21.58 19.95
C VAL A 66 7.92 21.14 19.29
N PHE A 67 8.01 20.08 18.49
CA PHE A 67 6.83 19.35 18.03
C PHE A 67 6.66 18.12 18.92
N ALA A 68 5.48 17.95 19.49
CA ALA A 68 5.20 16.82 20.36
C ALA A 68 4.03 15.99 19.84
N GLY A 69 4.03 14.70 20.17
CA GLY A 69 2.96 13.81 19.73
C GLY A 69 3.24 12.37 20.09
N HIS A 70 2.33 11.48 19.71
CA HIS A 70 2.48 10.06 19.99
C HIS A 70 2.41 9.24 18.73
N THR A 71 3.02 8.07 18.76
CA THR A 71 3.02 7.18 17.61
C THR A 71 1.96 6.09 17.74
N ASP A 72 1.62 5.75 18.99
CA ASP A 72 0.61 4.71 19.25
C ASP A 72 -0.75 5.16 18.76
N VAL A 73 -1.66 4.21 18.54
CA VAL A 73 -3.07 4.46 18.14
C VAL A 73 -3.96 3.54 18.97
N VAL A 74 -5.25 3.82 19.03
CA VAL A 74 -6.14 2.90 19.74
C VAL A 74 -6.50 1.70 18.84
N PRO A 75 -7.00 0.61 19.43
CA PRO A 75 -7.41 -0.56 18.65
C PRO A 75 -8.42 -0.25 17.54
N ALA A 76 -8.48 -1.12 16.51
CA ALA A 76 -9.40 -0.92 15.37
C ALA A 76 -10.89 -0.98 15.71
N GLY A 77 -11.24 -1.85 16.66
CA GLY A 77 -12.64 -2.10 16.94
C GLY A 77 -13.07 -3.20 15.99
N PRO A 78 -14.38 -3.31 15.75
CA PRO A 78 -14.94 -4.42 14.99
C PRO A 78 -14.57 -4.41 13.54
N LEU A 79 -13.81 -5.39 13.07
CA LEU A 79 -13.41 -5.37 11.68
C LEU A 79 -14.60 -5.47 10.74
N SER A 80 -15.71 -6.02 11.22
CA SER A 80 -16.90 -6.10 10.37
C SER A 80 -17.44 -4.73 10.01
N GLN A 81 -17.08 -3.73 10.79
CA GLN A 81 -17.55 -2.37 10.55
C GLN A 81 -16.62 -1.59 9.66
N TRP A 82 -15.38 -2.07 9.49
CA TRP A 82 -14.39 -1.33 8.72
C TRP A 82 -14.57 -1.56 7.22
N HIS A 83 -14.76 -0.49 6.46
CA HIS A 83 -14.80 -0.60 5.01
C HIS A 83 -13.45 -0.95 4.36
N THR A 84 -12.36 -0.66 5.06
CA THR A 84 -11.02 -0.75 4.51
C THR A 84 -10.15 -1.36 5.59
N PRO A 85 -9.02 -1.97 5.22
CA PRO A 85 -8.23 -2.63 6.28
C PRO A 85 -7.67 -1.59 7.25
N PRO A 86 -7.99 -1.69 8.55
CA PRO A 86 -7.59 -0.58 9.45
C PRO A 86 -6.10 -0.18 9.41
N PHE A 87 -5.17 -1.13 9.23
CA PHE A 87 -3.74 -0.78 9.20
C PHE A 87 -3.17 -0.80 7.79
N GLU A 88 -4.05 -0.62 6.82
CA GLU A 88 -3.63 -0.41 5.44
CA GLU A 88 -3.62 -0.39 5.46
C GLU A 88 -4.12 0.95 4.96
N PRO A 89 -3.20 1.90 4.81
CA PRO A 89 -3.59 3.25 4.37
C PRO A 89 -4.29 3.11 3.02
N THR A 90 -5.48 3.68 2.93
CA THR A 90 -6.36 3.40 1.81
C THR A 90 -6.88 4.75 1.36
N VAL A 91 -6.53 5.18 0.16
CA VAL A 91 -6.97 6.49 -0.36
C VAL A 91 -8.27 6.32 -1.14
N ILE A 92 -9.32 7.01 -0.73
CA ILE A 92 -10.61 6.99 -1.41
C ILE A 92 -11.12 8.44 -1.48
N ASP A 93 -11.40 8.92 -2.69
CA ASP A 93 -11.99 10.26 -2.91
C ASP A 93 -11.34 11.36 -2.06
N GLY A 94 -10.02 11.43 -2.12
CA GLY A 94 -9.30 12.51 -1.47
C GLY A 94 -9.08 12.37 0.01
N PHE A 95 -9.49 11.24 0.59
CA PHE A 95 -9.32 10.99 2.00
C PHE A 95 -8.44 9.79 2.24
N LEU A 96 -7.58 9.87 3.25
CA LEU A 96 -6.70 8.79 3.65
C LEU A 96 -7.36 8.07 4.82
N HIS A 97 -7.73 6.81 4.60
CA HIS A 97 -8.41 5.99 5.60
C HIS A 97 -7.46 5.09 6.36
N GLY A 98 -7.63 5.00 7.67
CA GLY A 98 -6.86 4.06 8.47
C GLY A 98 -6.71 4.52 9.90
N ARG A 99 -6.56 3.56 10.80
CA ARG A 99 -6.33 3.88 12.20
C ARG A 99 -5.10 4.80 12.29
N GLY A 100 -5.24 5.93 13.00
CA GLY A 100 -4.16 6.86 13.14
C GLY A 100 -4.11 7.96 12.11
N ALA A 101 -4.90 7.87 11.04
CA ALA A 101 -4.86 8.89 9.99
C ALA A 101 -5.09 10.28 10.58
N ALA A 102 -6.05 10.37 11.50
CA ALA A 102 -6.40 11.64 12.11
C ALA A 102 -5.71 11.79 13.47
N ASP A 103 -5.60 10.67 14.22
CA ASP A 103 -5.05 10.69 15.57
C ASP A 103 -3.92 9.68 15.77
N MET A 104 -2.66 10.06 15.50
CA MET A 104 -2.29 11.38 14.93
C MET A 104 -1.08 11.26 13.94
N LYS A 105 -1.04 10.20 13.13
CA LYS A 105 0.08 9.93 12.25
C LYS A 105 0.11 10.91 11.09
N GLY A 106 -1.06 11.36 10.65
CA GLY A 106 -1.12 12.47 9.71
C GLY A 106 -0.29 13.67 10.15
N SER A 107 -0.53 14.14 11.39
CA SER A 107 0.23 15.29 11.93
C SER A 107 1.72 15.02 12.02
N LEU A 108 2.09 13.83 12.50
CA LEU A 108 3.51 13.47 12.56
C LEU A 108 4.17 13.64 11.17
N ALA A 109 3.52 13.14 10.14
CA ALA A 109 4.10 13.30 8.80
C ALA A 109 4.17 14.78 8.41
N CYS A 110 3.16 15.55 8.80
CA CYS A 110 3.18 16.99 8.55
C CYS A 110 4.32 17.71 9.28
N MET A 111 4.62 17.31 10.52
CA MET A 111 5.73 17.88 11.29
C MET A 111 7.06 17.62 10.61
N ILE A 112 7.26 16.36 10.17
CA ILE A 112 8.52 16.02 9.51
C ILE A 112 8.71 16.80 8.21
N VAL A 113 7.71 16.82 7.33
CA VAL A 113 7.92 17.48 6.04
C VAL A 113 8.02 19.01 6.22
N ALA A 114 7.29 19.57 7.18
CA ALA A 114 7.38 21.00 7.47
C ALA A 114 8.79 21.39 7.94
N VAL A 115 9.39 20.57 8.78
CA VAL A 115 10.76 20.85 9.25
C VAL A 115 11.76 20.67 8.11
N GLU A 116 11.59 19.61 7.31
CA GLU A 116 12.32 19.45 6.08
C GLU A 116 12.24 20.66 5.21
N ARG A 117 11.03 21.15 4.93
CA ARG A 117 10.93 22.32 4.05
C ARG A 117 11.54 23.58 4.67
N PHE A 118 11.30 23.75 5.97
CA PHE A 118 11.83 24.88 6.70
C PHE A 118 13.36 24.85 6.71
N ILE A 119 13.96 23.73 7.09
CA ILE A 119 15.43 23.65 7.17
C ILE A 119 16.06 23.82 5.78
N ALA A 120 15.29 23.53 4.72
CA ALA A 120 15.81 23.75 3.38
C ALA A 120 15.79 25.23 2.99
N GLU A 121 14.77 25.98 3.44
CA GLU A 121 14.71 27.43 3.20
C GLU A 121 15.47 28.27 4.23
N HIS A 122 15.60 27.74 5.45
CA HIS A 122 16.23 28.48 6.52
C HIS A 122 17.23 27.63 7.23
N PRO A 123 18.32 27.25 6.54
CA PRO A 123 19.34 26.44 7.19
C PRO A 123 19.95 27.15 8.40
N ASP A 124 19.98 28.47 8.31
CA ASP A 124 20.51 29.34 9.34
C ASP A 124 19.46 29.85 10.33
N HIS A 125 18.47 29.01 10.66
CA HIS A 125 17.42 29.41 11.60
C HIS A 125 17.92 29.83 12.99
N GLN A 126 17.19 30.74 13.62
CA GLN A 126 17.33 31.06 15.04
C GLN A 126 16.96 29.86 15.88
N GLY A 127 17.32 29.91 17.15
CA GLY A 127 16.73 28.98 18.09
C GLY A 127 17.06 27.54 17.82
N SER A 128 16.24 26.66 18.37
CA SER A 128 16.41 25.23 18.23
C SER A 128 15.06 24.60 17.91
N ILE A 129 15.11 23.46 17.21
CA ILE A 129 13.91 22.68 16.94
C ILE A 129 14.04 21.36 17.66
N GLY A 130 13.01 20.95 18.35
CA GLY A 130 13.03 19.66 19.01
C GLY A 130 11.85 18.84 18.61
N PHE A 131 11.98 17.52 18.70
CA PHE A 131 10.84 16.59 18.63
C PHE A 131 10.75 15.82 19.92
N LEU A 132 9.53 15.65 20.43
CA LEU A 132 9.32 14.86 21.64
C LEU A 132 8.20 13.86 21.35
N ILE A 133 8.55 12.59 21.15
CA ILE A 133 7.57 11.64 20.65
C ILE A 133 7.52 10.42 21.54
N THR A 134 6.30 10.00 21.85
CA THR A 134 6.05 8.92 22.81
C THR A 134 5.17 7.85 22.17
N SER A 135 5.04 6.70 22.80
CA SER A 135 4.12 5.70 22.27
C SER A 135 3.08 5.17 23.28
N ASP A 136 2.71 5.95 24.29
CA ASP A 136 1.72 5.50 25.28
C ASP A 136 0.55 6.46 25.53
N GLU A 137 0.38 7.47 24.66
CA GLU A 137 -0.56 8.56 24.95
C GLU A 137 -2.03 8.16 25.08
N GLU A 138 -2.46 7.12 24.37
CA GLU A 138 -3.87 6.75 24.36
C GLU A 138 -4.25 5.98 25.63
N GLY A 139 -3.27 5.75 26.50
CA GLY A 139 -3.48 5.08 27.78
C GLY A 139 -4.40 5.85 28.72
N PRO A 140 -4.90 5.18 29.75
CA PRO A 140 -5.63 5.89 30.79
C PRO A 140 -4.70 6.79 31.61
N ASN A 143 2.57 8.52 30.92
CA ASN A 143 3.83 8.17 31.51
C ASN A 143 5.02 8.65 30.69
N GLY A 144 5.05 8.28 29.41
CA GLY A 144 6.17 8.62 28.58
C GLY A 144 6.49 10.09 28.52
N THR A 145 5.50 10.93 28.25
CA THR A 145 5.74 12.37 28.23
C THR A 145 6.36 12.91 29.52
N VAL A 146 5.76 12.55 30.65
CA VAL A 146 6.24 12.98 31.94
C VAL A 146 7.71 12.60 32.14
N ARG A 147 8.08 11.39 31.72
CA ARG A 147 9.40 10.91 32.00
C ARG A 147 10.41 11.65 31.15
N VAL A 148 10.04 11.91 29.89
CA VAL A 148 10.91 12.66 29.00
C VAL A 148 11.06 14.10 29.47
N VAL A 149 9.92 14.76 29.78
CA VAL A 149 9.95 16.15 30.21
C VAL A 149 10.76 16.34 31.52
N GLU A 150 10.65 15.40 32.46
CA GLU A 150 11.43 15.53 33.69
C GLU A 150 12.93 15.39 33.41
N THR A 151 13.28 14.52 32.48
CA THR A 151 14.67 14.36 32.06
C THR A 151 15.20 15.69 31.50
N LEU A 152 14.44 16.36 30.63
CA LEU A 152 14.91 17.61 30.06
C LEU A 152 15.01 18.70 31.12
N MET A 153 14.00 18.81 31.97
CA MET A 153 14.02 19.78 33.06
C MET A 153 15.25 19.62 33.96
N ALA A 154 15.53 18.38 34.34
CA ALA A 154 16.56 18.10 35.32
C ALA A 154 17.95 18.25 34.73
N ARG A 155 18.05 18.63 33.46
CA ARG A 155 19.34 18.99 32.92
C ARG A 155 19.26 20.39 32.35
N ASN A 156 18.28 21.13 32.86
CA ASN A 156 18.06 22.53 32.51
C ASN A 156 17.86 22.73 31.02
N GLU A 157 17.19 21.79 30.38
CA GLU A 157 16.84 21.93 28.98
C GLU A 157 15.33 22.24 28.90
N LEU A 158 14.99 23.52 28.87
CA LEU A 158 13.63 23.96 29.07
C LEU A 158 12.97 24.41 27.77
N ILE A 159 12.00 23.64 27.30
CA ILE A 159 11.23 23.99 26.10
C ILE A 159 10.57 25.34 26.26
N ASP A 160 10.79 26.23 25.30
CA ASP A 160 10.13 27.52 25.30
C ASP A 160 8.72 27.45 24.73
N MET A 161 8.56 26.71 23.64
CA MET A 161 7.30 26.69 22.90
C MET A 161 7.07 25.32 22.35
N CYS A 162 5.82 24.86 22.33
CA CYS A 162 5.56 23.50 21.87
C CYS A 162 4.23 23.39 21.11
N ILE A 163 4.25 22.83 19.92
CA ILE A 163 3.01 22.47 19.22
C ILE A 163 2.77 21.00 19.45
N VAL A 164 1.61 20.68 20.00
CA VAL A 164 1.15 19.31 20.11
C VAL A 164 0.20 19.06 18.95
N GLY A 165 0.55 18.19 18.03
CA GLY A 165 -0.22 18.03 16.81
C GLY A 165 -1.45 17.12 16.95
N GLU A 166 -2.06 17.07 18.14
CA GLU A 166 -3.26 16.28 18.33
C GLU A 166 -4.37 16.89 17.47
N PRO A 167 -5.32 16.07 17.00
CA PRO A 167 -6.34 16.62 16.11
C PRO A 167 -7.31 17.55 16.81
N SER A 168 -7.16 18.84 16.56
CA SER A 168 -7.88 19.83 17.32
C SER A 168 -9.13 20.34 16.61
N SER A 169 -9.29 20.03 15.32
CA SER A 169 -10.21 20.77 14.45
C SER A 169 -11.58 20.14 14.35
N THR A 170 -12.55 20.94 13.93
CA THR A 170 -13.95 20.51 13.89
C THR A 170 -14.45 20.07 12.51
N LEU A 171 -14.43 21.00 11.56
CA LEU A 171 -14.94 20.81 10.24
C LEU A 171 -13.82 20.83 9.26
N ALA A 172 -12.85 21.69 9.53
CA ALA A 172 -11.76 21.96 8.61
C ALA A 172 -10.53 22.17 9.44
N VAL A 173 -9.39 21.66 9.00
CA VAL A 173 -8.15 21.78 9.75
C VAL A 173 -7.84 23.24 10.05
N GLY A 174 -7.58 23.51 11.33
CA GLY A 174 -7.20 24.83 11.79
C GLY A 174 -8.37 25.72 12.16
N ASP A 175 -9.58 25.18 12.17
CA ASP A 175 -10.69 26.02 12.55
C ASP A 175 -10.79 26.18 14.09
N VAL A 176 -10.08 25.33 14.83
CA VAL A 176 -9.96 25.39 16.30
C VAL A 176 -8.52 25.11 16.66
N VAL A 177 -8.01 25.82 17.66
CA VAL A 177 -6.77 25.38 18.35
C VAL A 177 -6.96 25.53 19.87
N LYS A 178 -6.20 24.78 20.62
CA LYS A 178 -6.32 24.87 22.06
C LYS A 178 -5.01 25.45 22.60
N ASN A 179 -5.13 26.44 23.48
CA ASN A 179 -3.99 27.16 24.02
C ASN A 179 -3.77 26.71 25.44
N GLY A 180 -2.55 26.30 25.77
CA GLY A 180 -2.19 25.96 27.15
C GLY A 180 -2.08 27.22 28.02
N ARG A 181 -2.15 27.05 29.34
CA ARG A 181 -1.87 28.14 30.25
C ARG A 181 -0.50 27.84 30.80
N ARG A 182 0.50 28.64 30.43
CA ARG A 182 1.89 28.44 30.85
C ARG A 182 1.97 28.44 32.38
N GLY A 183 2.51 27.39 32.98
CA GLY A 183 2.53 27.30 34.43
C GLY A 183 1.16 27.41 35.08
N GLY A 184 0.15 26.88 34.40
CA GLY A 184 -1.21 26.93 34.90
C GLY A 184 -1.86 28.30 34.92
N GLY A 185 -1.25 29.28 34.26
CA GLY A 185 -1.76 30.64 34.29
C GLY A 185 -1.08 31.51 35.32
N PHE A 186 -0.01 31.02 35.95
CA PHE A 186 0.71 31.84 36.93
C PHE A 186 2.12 32.15 36.54
N LEU A 187 2.49 31.78 35.33
CA LEU A 187 3.73 32.30 34.80
C LEU A 187 3.42 33.28 33.72
N THR A 188 4.28 34.29 33.58
CA THR A 188 4.09 35.31 32.55
C THR A 188 4.02 34.63 31.20
N ASP A 189 3.23 35.17 30.28
CA ASP A 189 3.02 34.54 28.98
C ASP A 189 3.00 35.65 27.91
N THR A 190 4.02 35.70 27.08
CA THR A 190 4.14 36.70 26.03
C THR A 190 3.18 36.51 24.85
N GLY A 191 2.63 35.30 24.74
CA GLY A 191 1.74 34.95 23.63
C GLY A 191 2.46 34.76 22.32
N GLU A 192 3.79 34.65 22.34
CA GLU A 192 4.58 34.54 21.14
C GLU A 192 4.20 33.31 20.29
N LEU A 193 4.01 32.15 20.94
CA LEU A 193 3.59 30.96 20.19
C LEU A 193 2.18 31.11 19.59
N LEU A 194 1.18 31.48 20.41
CA LEU A 194 -0.17 31.54 19.90
C LEU A 194 -0.22 32.56 18.75
N ALA A 195 0.48 33.69 18.90
CA ALA A 195 0.51 34.68 17.83
C ALA A 195 1.06 34.07 16.52
N ALA A 196 2.09 33.25 16.64
CA ALA A 196 2.74 32.62 15.49
C ALA A 196 1.78 31.66 14.85
N VAL A 197 1.17 30.79 15.66
CA VAL A 197 0.24 29.77 15.14
C VAL A 197 -1.01 30.40 14.51
N VAL A 198 -1.62 31.35 15.22
CA VAL A 198 -2.75 32.08 14.66
C VAL A 198 -2.34 32.74 13.32
N ALA A 199 -1.14 33.33 13.26
CA ALA A 199 -0.64 33.95 12.02
C ALA A 199 -0.59 32.94 10.85
N ALA A 200 -0.02 31.77 11.13
CA ALA A 200 0.07 30.67 10.18
C ALA A 200 -1.31 30.18 9.73
N VAL A 201 -2.20 29.91 10.68
CA VAL A 201 -3.54 29.45 10.36
C VAL A 201 -4.31 30.49 9.54
N GLU A 202 -4.09 31.77 9.83
CA GLU A 202 -4.78 32.81 9.05
C GLU A 202 -4.25 32.90 7.61
N GLU A 203 -2.95 32.79 7.41
CA GLU A 203 -2.35 32.76 6.06
CA GLU A 203 -2.41 32.81 6.05
C GLU A 203 -2.97 31.66 5.20
N VAL A 204 -3.11 30.49 5.79
CA VAL A 204 -3.54 29.30 5.06
C VAL A 204 -5.06 29.26 4.84
N ASN A 205 -5.80 29.60 5.87
CA ASN A 205 -7.25 29.50 5.85
C ASN A 205 -8.00 30.81 5.57
N HIS A 206 -7.31 31.95 5.74
CA HIS A 206 -7.92 33.27 5.70
C HIS A 206 -9.08 33.41 6.66
N GLN A 207 -9.05 32.61 7.73
CA GLN A 207 -10.02 32.67 8.82
CA GLN A 207 -9.99 32.67 8.83
C GLN A 207 -9.26 32.39 10.14
N ALA A 208 -9.55 33.16 11.20
CA ALA A 208 -8.89 32.93 12.47
C ALA A 208 -9.45 31.64 13.06
N PRO A 209 -8.60 30.87 13.74
CA PRO A 209 -9.17 29.71 14.45
C PRO A 209 -10.00 30.15 15.66
N ALA A 210 -11.03 29.39 16.03
CA ALA A 210 -11.62 29.52 17.36
C ALA A 210 -10.59 29.06 18.38
N LEU A 211 -10.68 29.58 19.61
CA LEU A 211 -9.74 29.28 20.66
C LEU A 211 -10.41 28.55 21.79
N LEU A 212 -9.77 27.47 22.26
CA LEU A 212 -10.10 26.86 23.56
C LEU A 212 -8.90 27.07 24.43
N THR A 213 -9.09 27.28 25.72
CA THR A 213 -8.00 27.55 26.66
C THR A 213 -7.87 26.42 27.69
N THR A 214 -8.70 25.43 27.52
CA THR A 214 -8.80 24.28 28.41
C THR A 214 -8.98 22.92 27.61
N GLY A 215 -9.01 21.71 28.10
N GLY A 215 -9.15 21.65 28.04
CA GLY A 215 -9.56 20.61 27.36
CA GLY A 215 -9.37 20.48 27.20
C GLY A 215 -8.74 19.73 26.41
C GLY A 215 -8.03 20.02 26.72
N GLY A 216 -7.43 19.85 26.42
N GLY A 216 -7.98 19.33 25.63
CA GLY A 216 -6.62 19.12 25.46
CA GLY A 216 -6.71 18.85 25.14
C GLY A 216 -6.24 17.70 25.88
C GLY A 216 -6.26 17.59 25.87
N THR A 217 -4.94 17.39 25.90
CA THR A 217 -4.46 16.13 26.47
C THR A 217 -3.72 16.40 27.77
N SER A 218 -3.69 15.45 28.71
CA SER A 218 -2.92 15.64 29.92
C SER A 218 -1.44 15.82 29.60
N ASP A 219 -1.00 15.17 28.55
CA ASP A 219 0.36 15.28 28.08
C ASP A 219 0.73 16.74 27.80
N GLY A 220 -0.06 17.41 26.96
CA GLY A 220 0.20 18.81 26.69
C GLY A 220 0.00 19.72 27.91
N ARG A 221 -0.95 19.36 28.77
CA ARG A 221 -1.18 20.12 30.00
C ARG A 221 0.04 20.05 30.89
N PHE A 222 0.73 18.91 30.88
CA PHE A 222 1.95 18.74 31.68
C PHE A 222 3.12 19.57 31.17
N ILE A 223 3.33 19.56 29.87
CA ILE A 223 4.34 20.41 29.24
C ILE A 223 4.08 21.88 29.60
N ALA A 224 2.83 22.34 29.49
CA ALA A 224 2.55 23.74 29.80
C ALA A 224 2.79 24.01 31.29
N GLN A 225 2.28 23.13 32.16
CA GLN A 225 2.46 23.32 33.60
C GLN A 225 3.91 23.52 33.96
N MET A 226 4.79 22.81 33.28
CA MET A 226 6.21 22.84 33.61
C MET A 226 6.84 24.13 33.13
N GLY A 227 6.20 24.86 32.20
CA GLY A 227 6.72 26.16 31.79
C GLY A 227 6.73 26.51 30.30
N ALA A 228 6.32 25.59 29.42
CA ALA A 228 6.30 25.88 27.98
C ALA A 228 5.02 26.60 27.59
N GLN A 229 5.09 27.45 26.58
CA GLN A 229 3.89 27.83 25.84
C GLN A 229 3.50 26.64 24.97
N VAL A 230 2.22 26.29 24.95
CA VAL A 230 1.75 25.10 24.25
C VAL A 230 0.52 25.43 23.46
N VAL A 231 0.44 24.96 22.22
CA VAL A 231 -0.76 25.08 21.42
C VAL A 231 -1.04 23.75 20.79
N GLU A 232 -2.30 23.31 20.82
CA GLU A 232 -2.67 22.11 20.11
C GLU A 232 -3.28 22.51 18.76
N LEU A 233 -2.74 21.96 17.68
CA LEU A 233 -3.19 22.24 16.33
C LEU A 233 -3.03 20.93 15.57
N GLY A 234 -4.14 20.46 14.99
CA GLY A 234 -4.10 19.25 14.18
C GLY A 234 -5.36 19.11 13.34
N PRO A 235 -5.51 17.95 12.67
CA PRO A 235 -6.61 17.67 11.75
C PRO A 235 -7.97 17.62 12.42
N VAL A 236 -9.00 17.59 11.59
CA VAL A 236 -10.36 17.28 12.01
C VAL A 236 -10.37 16.04 12.87
N ASN A 237 -11.12 16.07 13.97
CA ASN A 237 -11.13 14.93 14.89
C ASN A 237 -12.43 14.16 14.92
N ALA A 238 -13.27 14.34 13.89
CA ALA A 238 -14.60 13.75 13.91
C ALA A 238 -14.59 12.22 13.91
N THR A 239 -13.48 11.61 13.44
CA THR A 239 -13.41 10.15 13.31
C THR A 239 -12.37 9.50 14.19
N ILE A 240 -11.74 10.23 15.12
CA ILE A 240 -10.70 9.62 15.96
C ILE A 240 -11.29 8.51 16.87
N HIS A 241 -10.48 7.49 17.13
CA HIS A 241 -10.91 6.37 17.97
C HIS A 241 -12.18 5.67 17.45
N LYS A 242 -12.46 5.75 16.16
CA LYS A 242 -13.67 5.13 15.62
C LYS A 242 -13.33 4.24 14.44
N VAL A 243 -14.23 3.31 14.12
CA VAL A 243 -14.10 2.60 12.86
C VAL A 243 -14.06 3.57 11.66
N ASN A 244 -13.32 3.24 10.61
CA ASN A 244 -13.21 4.05 9.40
C ASN A 244 -12.71 5.47 9.68
N GLU A 245 -11.76 5.53 10.60
CA GLU A 245 -11.01 6.77 10.80
C GLU A 245 -10.38 7.21 9.47
N CYS A 246 -10.39 8.52 9.23
CA CYS A 246 -9.82 9.04 8.01
C CYS A 246 -9.46 10.54 8.12
N VAL A 247 -8.72 11.06 7.15
CA VAL A 247 -8.31 12.46 7.18
C VAL A 247 -8.36 13.00 5.75
N ARG A 248 -8.84 14.22 5.59
CA ARG A 248 -8.82 14.85 4.28
C ARG A 248 -7.37 15.12 3.87
N ILE A 249 -6.92 14.53 2.77
CA ILE A 249 -5.53 14.69 2.38
C ILE A 249 -5.20 16.17 2.13
N ALA A 250 -6.09 16.92 1.49
CA ALA A 250 -5.85 18.34 1.25
C ALA A 250 -5.57 19.05 2.59
N ASP A 251 -6.23 18.60 3.66
CA ASP A 251 -6.03 19.20 4.97
C ASP A 251 -4.65 18.87 5.52
N LEU A 252 -4.06 17.76 5.11
CA LEU A 252 -2.69 17.42 5.51
C LEU A 252 -1.74 18.33 4.82
N GLU A 253 -1.98 18.68 3.56
CA GLU A 253 -1.08 19.64 2.90
C GLU A 253 -1.16 21.02 3.62
N LYS A 254 -2.37 21.42 3.99
CA LYS A 254 -2.59 22.69 4.72
C LYS A 254 -1.87 22.69 6.08
N LEU A 255 -2.01 21.61 6.83
CA LEU A 255 -1.39 21.51 8.14
C LEU A 255 0.14 21.61 8.01
N THR A 256 0.72 20.92 7.04
CA THR A 256 2.14 21.00 6.82
C THR A 256 2.54 22.47 6.60
N ASP A 257 1.77 23.19 5.79
CA ASP A 257 2.06 24.61 5.56
C ASP A 257 1.92 25.42 6.86
N MET A 258 0.89 25.15 7.64
CA MET A 258 0.70 25.86 8.90
C MET A 258 1.88 25.63 9.85
N TYR A 259 2.38 24.40 9.92
CA TYR A 259 3.54 24.12 10.75
C TYR A 259 4.80 24.81 10.19
N GLN A 260 4.98 24.78 8.88
CA GLN A 260 6.16 25.45 8.30
C GLN A 260 6.12 26.95 8.53
N LYS A 261 4.93 27.53 8.30
CA LYS A 261 4.71 28.95 8.54
C LYS A 261 4.89 29.33 10.01
N THR A 262 4.46 28.47 10.93
CA THR A 262 4.72 28.76 12.34
C THR A 262 6.23 28.84 12.56
N LEU A 263 6.98 27.85 12.05
CA LEU A 263 8.42 27.87 12.13
C LEU A 263 9.02 29.16 11.57
N ASN A 264 8.57 29.59 10.39
CA ASN A 264 9.04 30.87 9.81
C ASN A 264 8.88 32.01 10.79
N HIS A 265 7.70 32.13 11.38
CA HIS A 265 7.41 33.24 12.28
C HIS A 265 8.27 33.24 13.52
N LEU A 266 8.66 32.06 13.98
CA LEU A 266 9.35 31.91 15.25
C LEU A 266 10.84 31.92 15.08
N LEU A 267 11.31 31.20 14.07
CA LEU A 267 12.71 30.89 13.90
C LEU A 267 13.33 31.46 12.62
N GLY A 268 12.51 31.83 11.65
CA GLY A 268 13.02 32.11 10.31
C GLY A 268 13.12 33.58 9.94
N THR B 4 -3.48 -10.41 8.81
CA THR B 4 -2.44 -10.66 7.82
C THR B 4 -3.02 -11.04 6.48
N ASP B 5 -2.49 -10.42 5.42
CA ASP B 5 -2.89 -10.75 4.04
C ASP B 5 -2.63 -12.20 3.72
N SER B 6 -3.63 -12.86 3.16
CA SER B 6 -3.43 -14.12 2.50
C SER B 6 -2.30 -13.93 1.52
N PRO B 7 -1.58 -15.01 1.18
CA PRO B 7 -0.48 -14.85 0.24
C PRO B 7 -0.94 -14.38 -1.14
N VAL B 8 -2.12 -14.78 -1.59
CA VAL B 8 -2.60 -14.31 -2.90
C VAL B 8 -2.79 -12.78 -2.91
N LEU B 9 -3.46 -12.28 -1.87
CA LEU B 9 -3.81 -10.88 -1.80
C LEU B 9 -2.55 -10.05 -1.68
N ALA B 10 -1.60 -10.48 -0.84
CA ALA B 10 -0.31 -9.82 -0.69
C ALA B 10 0.43 -9.63 -2.00
N LEU B 11 0.55 -10.73 -2.75
CA LEU B 11 1.23 -10.69 -4.03
C LEU B 11 0.47 -9.90 -5.11
N ALA B 12 -0.86 -10.02 -5.12
CA ALA B 12 -1.68 -9.20 -6.04
C ALA B 12 -1.37 -7.73 -5.80
N LYS B 13 -1.36 -7.33 -4.53
CA LYS B 13 -1.06 -5.93 -4.20
C LYS B 13 0.33 -5.51 -4.68
N GLU B 14 1.33 -6.35 -4.43
CA GLU B 14 2.67 -6.02 -4.84
C GLU B 14 2.75 -5.77 -6.31
N LEU B 15 2.04 -6.60 -7.06
CA LEU B 15 2.06 -6.51 -8.52
C LEU B 15 1.34 -5.27 -9.01
N ILE B 16 0.18 -4.95 -8.42
CA ILE B 16 -0.58 -3.79 -8.88
C ILE B 16 0.17 -2.47 -8.63
N SER B 17 1.02 -2.46 -7.62
CA SER B 17 1.70 -1.22 -7.24
C SER B 17 2.97 -1.02 -8.10
N ARG B 18 3.28 -1.95 -9.00
CA ARG B 18 4.26 -1.70 -10.04
C ARG B 18 3.58 -1.11 -11.25
N GLN B 19 4.05 0.03 -11.72
CA GLN B 19 3.44 0.62 -12.91
C GLN B 19 4.04 0.01 -14.17
N SER B 20 3.53 -1.15 -14.48
CA SER B 20 4.08 -1.84 -15.62
C SER B 20 3.26 -1.45 -16.82
N VAL B 21 3.04 -0.16 -17.01
CA VAL B 21 2.40 0.35 -18.22
C VAL B 21 3.39 0.08 -19.36
N THR B 22 2.84 -0.49 -20.42
CA THR B 22 3.57 -1.18 -21.48
C THR B 22 4.64 -0.37 -22.22
N PRO B 23 5.83 -0.97 -22.42
CA PRO B 23 6.21 -2.31 -21.96
C PRO B 23 7.07 -2.25 -20.69
N ALA B 24 7.13 -1.09 -20.01
CA ALA B 24 7.75 -1.00 -18.68
C ALA B 24 7.26 -2.13 -17.81
N ASP B 25 8.15 -2.87 -17.16
CA ASP B 25 7.66 -4.02 -16.42
C ASP B 25 7.71 -3.77 -14.93
N ALA B 26 8.39 -2.69 -14.57
CA ALA B 26 8.41 -2.20 -13.20
C ALA B 26 8.74 -3.32 -12.22
N GLY B 27 9.52 -4.31 -12.65
CA GLY B 27 9.98 -5.36 -11.75
C GLY B 27 9.02 -6.49 -11.51
N CYS B 28 7.87 -6.46 -12.16
CA CYS B 28 6.85 -7.51 -11.99
C CYS B 28 7.36 -8.94 -12.26
N GLN B 29 8.04 -9.15 -13.39
CA GLN B 29 8.52 -10.50 -13.73
C GLN B 29 9.64 -10.87 -12.77
N ASP B 30 10.41 -9.89 -12.34
CA ASP B 30 11.41 -10.15 -11.31
C ASP B 30 10.77 -10.68 -10.03
N LEU B 31 9.69 -10.03 -9.56
CA LEU B 31 8.94 -10.53 -8.42
C LEU B 31 8.58 -12.00 -8.63
N MET B 32 7.99 -12.28 -9.79
CA MET B 32 7.54 -13.62 -10.10
C MET B 32 8.70 -14.59 -10.11
N ILE B 33 9.80 -14.20 -10.75
CA ILE B 33 10.95 -15.08 -10.93
C ILE B 33 11.60 -15.47 -9.59
N GLU B 34 11.76 -14.49 -8.70
CA GLU B 34 12.30 -14.78 -7.38
C GLU B 34 11.47 -15.84 -6.69
N ARG B 35 10.13 -15.75 -6.76
CA ARG B 35 9.26 -16.77 -6.17
C ARG B 35 9.46 -18.14 -6.87
N LEU B 36 9.60 -18.15 -8.20
CA LEU B 36 9.75 -19.40 -8.95
C LEU B 36 11.11 -20.06 -8.69
N LYS B 37 12.18 -19.26 -8.67
CA LYS B 37 13.56 -19.75 -8.36
C LYS B 37 13.54 -20.52 -7.07
N ALA B 38 12.79 -19.96 -6.12
CA ALA B 38 12.69 -20.52 -4.80
C ALA B 38 11.92 -21.85 -4.79
N LEU B 39 11.22 -22.15 -5.88
CA LEU B 39 10.56 -23.45 -6.04
C LEU B 39 11.37 -24.45 -6.90
N GLY B 40 12.55 -24.05 -7.34
CA GLY B 40 13.35 -24.93 -8.15
C GLY B 40 12.99 -24.89 -9.61
N PHE B 41 12.47 -23.75 -10.09
CA PHE B 41 12.30 -23.51 -11.50
C PHE B 41 13.60 -23.03 -12.13
N GLU B 42 13.83 -23.40 -13.38
CA GLU B 42 14.89 -22.83 -14.19
C GLU B 42 14.32 -21.67 -15.02
N ILE B 43 15.07 -20.56 -15.07
CA ILE B 43 14.55 -19.26 -15.53
C ILE B 43 15.29 -18.78 -16.76
N GLU B 44 14.58 -18.38 -17.82
CA GLU B 44 15.20 -17.77 -18.98
CA GLU B 44 15.21 -17.76 -18.98
C GLU B 44 14.45 -16.50 -19.33
N SER B 45 15.01 -15.34 -18.96
CA SER B 45 14.40 -14.04 -19.33
C SER B 45 14.78 -13.63 -20.75
N MET B 46 13.82 -13.41 -21.63
CA MET B 46 14.05 -13.14 -23.04
C MET B 46 13.59 -11.74 -23.35
N VAL B 47 14.46 -10.94 -23.94
CA VAL B 47 14.04 -9.64 -24.38
C VAL B 47 13.90 -9.65 -25.91
N PHE B 48 12.77 -9.14 -26.39
CA PHE B 48 12.55 -8.93 -27.80
C PHE B 48 12.06 -7.48 -27.96
N GLU B 49 12.70 -6.72 -28.83
CA GLU B 49 12.51 -5.26 -28.91
C GLU B 49 12.79 -4.68 -27.55
N ASP B 50 11.87 -3.85 -27.08
CA ASP B 50 12.02 -3.23 -25.77
C ASP B 50 11.21 -3.93 -24.69
N THR B 51 10.69 -5.10 -24.99
CA THR B 51 9.80 -5.78 -24.05
C THR B 51 10.50 -6.87 -23.23
N THR B 52 9.96 -7.10 -22.05
CA THR B 52 10.45 -8.03 -21.05
C THR B 52 9.63 -9.32 -21.05
N ASN B 53 10.25 -10.51 -21.03
CA ASN B 53 9.50 -11.78 -21.06
C ASN B 53 10.28 -12.85 -20.31
N PHE B 54 9.65 -13.89 -19.77
CA PHE B 54 10.46 -15.01 -19.28
C PHE B 54 9.79 -16.34 -19.50
N TRP B 55 10.63 -17.36 -19.61
CA TRP B 55 10.23 -18.76 -19.58
C TRP B 55 10.78 -19.39 -18.30
N ALA B 56 9.95 -20.12 -17.59
CA ALA B 56 10.39 -20.84 -16.39
C ALA B 56 9.87 -22.26 -16.43
N ARG B 57 10.66 -23.23 -16.01
CA ARG B 57 10.21 -24.61 -16.04
C ARG B 57 10.76 -25.39 -14.86
N ARG B 58 9.90 -26.18 -14.26
CA ARG B 58 10.32 -27.12 -13.25
C ARG B 58 9.90 -28.52 -13.65
N GLY B 59 10.90 -29.42 -13.75
CA GLY B 59 10.60 -30.76 -14.18
C GLY B 59 11.08 -30.97 -15.60
N THR B 60 11.34 -32.23 -15.95
CA THR B 60 11.83 -32.53 -17.29
C THR B 60 10.90 -33.50 -18.01
N GLN B 61 9.90 -34.02 -17.30
CA GLN B 61 9.03 -35.05 -17.87
C GLN B 61 7.83 -34.44 -18.56
N SER B 62 7.15 -35.25 -19.37
CA SER B 62 5.86 -34.90 -19.97
CA SER B 62 5.87 -34.84 -19.92
C SER B 62 4.73 -35.32 -19.03
N PRO B 63 3.57 -34.65 -19.09
CA PRO B 63 3.19 -33.49 -19.91
C PRO B 63 3.79 -32.19 -19.42
N LEU B 64 4.14 -31.31 -20.34
CA LEU B 64 4.53 -29.95 -19.98
C LEU B 64 3.26 -29.11 -19.85
N PHE B 65 2.92 -28.73 -18.61
CA PHE B 65 1.75 -27.87 -18.36
C PHE B 65 2.17 -26.44 -18.07
N VAL B 66 1.57 -25.44 -18.72
CA VAL B 66 2.07 -24.05 -18.66
C VAL B 66 1.02 -23.03 -18.21
N PHE B 67 1.39 -22.15 -17.26
CA PHE B 67 0.60 -20.97 -16.92
C PHE B 67 1.06 -19.83 -17.79
N ALA B 68 0.15 -19.21 -18.52
CA ALA B 68 0.54 -18.10 -19.39
C ALA B 68 -0.16 -16.80 -19.00
N GLY B 69 0.55 -15.68 -19.15
CA GLY B 69 0.03 -14.41 -18.75
C GLY B 69 0.93 -13.26 -19.18
N HIS B 70 0.52 -12.06 -18.77
CA HIS B 70 1.23 -10.83 -19.06
C HIS B 70 1.23 -9.97 -17.81
N THR B 71 2.34 -9.29 -17.58
CA THR B 71 2.47 -8.41 -16.43
C THR B 71 2.19 -6.94 -16.81
N ASP B 72 2.00 -6.62 -18.09
CA ASP B 72 1.76 -5.23 -18.49
C ASP B 72 0.28 -4.88 -18.35
N VAL B 73 0.00 -3.59 -18.23
CA VAL B 73 -1.37 -3.10 -18.05
C VAL B 73 -1.56 -1.90 -18.92
N VAL B 74 -2.81 -1.61 -19.26
CA VAL B 74 -3.11 -0.44 -20.06
C VAL B 74 -2.94 0.77 -19.18
N PRO B 75 -2.80 1.96 -19.79
CA PRO B 75 -2.62 3.13 -18.93
C PRO B 75 -3.84 3.41 -18.03
N ALA B 76 -3.66 4.22 -17.00
CA ALA B 76 -4.74 4.50 -16.05
C ALA B 76 -5.97 5.20 -16.66
N GLY B 77 -5.77 6.05 -17.67
CA GLY B 77 -6.87 6.84 -18.18
C GLY B 77 -6.96 8.07 -17.31
N PRO B 78 -8.07 8.79 -17.40
CA PRO B 78 -8.21 10.09 -16.72
C PRO B 78 -8.30 9.98 -15.22
N LEU B 79 -7.32 10.52 -14.50
CA LEU B 79 -7.26 10.37 -13.05
C LEU B 79 -8.46 10.92 -12.31
N SER B 80 -9.08 11.96 -12.87
CA SER B 80 -10.22 12.60 -12.24
C SER B 80 -11.40 11.65 -12.18
N GLN B 81 -11.30 10.57 -12.94
CA GLN B 81 -12.35 9.57 -12.97
C GLN B 81 -12.12 8.41 -12.02
N TRP B 82 -10.94 8.32 -11.43
CA TRP B 82 -10.65 7.24 -10.48
C TRP B 82 -11.09 7.64 -9.06
N HIS B 83 -11.63 6.70 -8.27
CA HIS B 83 -11.93 6.99 -6.88
C HIS B 83 -10.86 6.49 -5.93
N THR B 84 -9.81 5.90 -6.49
CA THR B 84 -8.71 5.32 -5.75
C THR B 84 -7.52 5.54 -6.67
N PRO B 85 -6.29 5.58 -6.15
CA PRO B 85 -5.16 5.75 -7.06
C PRO B 85 -4.95 4.49 -7.91
N PRO B 86 -4.88 4.61 -9.26
CA PRO B 86 -4.88 3.42 -10.13
C PRO B 86 -3.71 2.46 -9.88
N PHE B 87 -2.58 2.95 -9.40
CA PHE B 87 -1.40 2.12 -9.18
C PHE B 87 -1.07 1.95 -7.72
N GLU B 88 -2.06 2.19 -6.87
CA GLU B 88 -1.97 1.77 -5.51
C GLU B 88 -3.07 0.75 -5.27
N PRO B 89 -2.70 -0.47 -4.88
CA PRO B 89 -3.74 -1.47 -4.59
C PRO B 89 -4.58 -1.05 -3.39
N THR B 90 -5.89 -0.91 -3.58
CA THR B 90 -6.77 -0.29 -2.61
C THR B 90 -7.89 -1.26 -2.27
N VAL B 91 -8.05 -1.63 -1.01
CA VAL B 91 -9.01 -2.67 -0.61
C VAL B 91 -10.24 -2.08 0.07
N ILE B 92 -11.41 -2.36 -0.47
CA ILE B 92 -12.60 -1.69 -0.02
C ILE B 92 -13.72 -2.71 -0.06
N ASP B 93 -14.17 -3.15 1.10
CA ASP B 93 -15.34 -3.99 1.21
C ASP B 93 -15.20 -5.27 0.40
N GLY B 94 -14.05 -5.90 0.50
CA GLY B 94 -13.82 -7.17 -0.16
C GLY B 94 -13.44 -7.10 -1.62
N PHE B 95 -13.22 -5.90 -2.16
CA PHE B 95 -12.74 -5.75 -3.52
C PHE B 95 -11.39 -5.08 -3.51
N LEU B 96 -10.51 -5.57 -4.36
CA LEU B 96 -9.18 -5.02 -4.57
C LEU B 96 -9.24 -4.11 -5.77
N HIS B 97 -9.02 -2.80 -5.58
CA HIS B 97 -9.02 -1.81 -6.66
C HIS B 97 -7.62 -1.50 -7.12
N GLY B 98 -7.44 -1.32 -8.43
CA GLY B 98 -6.14 -0.99 -9.01
C GLY B 98 -6.06 -1.43 -10.46
N ARG B 99 -5.38 -0.64 -11.27
CA ARG B 99 -5.08 -1.05 -12.65
C ARG B 99 -4.38 -2.42 -12.66
N GLY B 100 -4.92 -3.36 -13.43
CA GLY B 100 -4.42 -4.72 -13.46
C GLY B 100 -5.03 -5.66 -12.45
N ALA B 101 -5.94 -5.16 -11.61
CA ALA B 101 -6.54 -6.01 -10.58
C ALA B 101 -7.21 -7.21 -11.25
N ALA B 102 -7.93 -6.93 -12.34
CA ALA B 102 -8.66 -7.96 -13.08
C ALA B 102 -7.84 -8.46 -14.30
N ASP B 103 -7.09 -7.54 -14.94
CA ASP B 103 -6.39 -7.82 -16.18
C ASP B 103 -4.90 -7.49 -16.13
N MET B 104 -4.05 -8.42 -15.67
CA MET B 104 -4.43 -9.73 -15.11
C MET B 104 -3.50 -10.08 -13.94
N LYS B 105 -3.10 -9.05 -13.19
CA LYS B 105 -2.21 -9.21 -12.04
C LYS B 105 -2.80 -10.06 -10.91
N GLY B 106 -4.12 -9.95 -10.69
CA GLY B 106 -4.81 -10.85 -9.79
C GLY B 106 -4.57 -12.28 -10.20
N SER B 107 -4.85 -12.58 -11.47
CA SER B 107 -4.58 -13.93 -12.01
C SER B 107 -3.14 -14.38 -11.76
N LEU B 108 -2.18 -13.50 -12.05
CA LEU B 108 -0.78 -13.86 -11.91
C LEU B 108 -0.46 -14.30 -10.49
N ALA B 109 -1.01 -13.61 -9.51
CA ALA B 109 -0.69 -13.92 -8.12
C ALA B 109 -1.29 -15.29 -7.74
N CYS B 110 -2.49 -15.56 -8.22
CA CYS B 110 -3.09 -16.90 -8.01
C CYS B 110 -2.29 -18.03 -8.63
N MET B 111 -1.68 -17.82 -9.80
CA MET B 111 -0.80 -18.83 -10.42
C MET B 111 0.38 -19.17 -9.53
N ILE B 112 1.10 -18.12 -9.11
CA ILE B 112 2.27 -18.27 -8.24
C ILE B 112 1.90 -18.97 -6.94
N VAL B 113 0.83 -18.54 -6.28
CA VAL B 113 0.42 -19.17 -5.03
C VAL B 113 -0.12 -20.60 -5.26
N ALA B 114 -0.90 -20.83 -6.32
CA ALA B 114 -1.31 -22.22 -6.59
C ALA B 114 -0.12 -23.17 -6.77
N VAL B 115 0.93 -22.73 -7.48
CA VAL B 115 2.15 -23.54 -7.72
C VAL B 115 2.95 -23.79 -6.44
N GLU B 116 3.05 -22.77 -5.60
CA GLU B 116 3.67 -22.93 -4.30
C GLU B 116 2.97 -23.98 -3.51
N ARG B 117 1.65 -23.94 -3.49
CA ARG B 117 0.93 -24.88 -2.68
C ARG B 117 1.01 -26.29 -3.29
N PHE B 118 0.81 -26.39 -4.60
CA PHE B 118 0.90 -27.67 -5.28
C PHE B 118 2.25 -28.36 -5.05
N ILE B 119 3.34 -27.62 -5.19
CA ILE B 119 4.66 -28.22 -4.99
C ILE B 119 4.89 -28.60 -3.53
N ALA B 120 4.34 -27.81 -2.60
CA ALA B 120 4.39 -28.18 -1.20
C ALA B 120 3.91 -29.60 -1.03
N GLU B 121 2.68 -29.88 -1.50
CA GLU B 121 2.11 -31.23 -1.45
C GLU B 121 2.76 -32.27 -2.38
N HIS B 122 3.21 -31.82 -3.54
CA HIS B 122 3.67 -32.72 -4.62
C HIS B 122 4.99 -32.30 -5.23
N PRO B 123 6.08 -32.32 -4.43
CA PRO B 123 7.39 -31.91 -4.94
C PRO B 123 7.90 -32.83 -6.04
N ASP B 124 7.47 -34.07 -5.97
CA ASP B 124 7.80 -35.07 -6.93
C ASP B 124 6.66 -35.26 -7.93
N HIS B 125 6.02 -34.18 -8.37
CA HIS B 125 4.85 -34.29 -9.24
C HIS B 125 5.20 -34.94 -10.57
N GLN B 126 4.20 -35.45 -11.26
CA GLN B 126 4.41 -35.93 -12.62
C GLN B 126 4.60 -34.76 -13.57
N GLY B 127 5.20 -35.01 -14.72
CA GLY B 127 5.31 -33.98 -15.74
C GLY B 127 6.13 -32.78 -15.33
N SER B 128 5.86 -31.65 -15.99
CA SER B 128 6.61 -30.41 -15.83
C SER B 128 5.68 -29.22 -15.77
N ILE B 129 6.04 -28.22 -14.97
CA ILE B 129 5.26 -26.99 -14.86
C ILE B 129 6.06 -25.88 -15.50
N GLY B 130 5.44 -25.12 -16.37
CA GLY B 130 6.06 -23.93 -16.93
C GLY B 130 5.28 -22.64 -16.69
N PHE B 131 6.00 -21.52 -16.85
CA PHE B 131 5.44 -20.16 -16.92
C PHE B 131 5.89 -19.48 -18.18
N LEU B 132 4.96 -18.85 -18.89
CA LEU B 132 5.30 -18.10 -20.07
C LEU B 132 4.66 -16.74 -19.85
N ILE B 133 5.49 -15.77 -19.45
CA ILE B 133 4.99 -14.45 -19.07
C ILE B 133 5.56 -13.36 -19.99
N THR B 134 4.69 -12.50 -20.51
CA THR B 134 5.09 -11.41 -21.39
CA THR B 134 5.12 -11.41 -21.37
C THR B 134 4.80 -10.06 -20.75
N SER B 135 5.33 -8.99 -21.33
CA SER B 135 5.03 -7.67 -20.82
C SER B 135 4.54 -6.74 -21.93
N ASP B 136 3.99 -7.32 -23.01
CA ASP B 136 3.57 -6.48 -24.13
C ASP B 136 2.22 -6.86 -24.70
N GLU B 137 1.42 -7.58 -23.93
CA GLU B 137 0.10 -8.05 -24.35
C GLU B 137 -0.90 -6.92 -24.59
N GLU B 138 -0.69 -5.80 -23.90
CA GLU B 138 -1.59 -4.66 -24.03
C GLU B 138 -0.96 -3.60 -24.93
N GLY B 139 -0.32 -4.06 -26.02
CA GLY B 139 0.25 -3.20 -27.04
C GLY B 139 -0.45 -3.46 -28.38
N PRO B 140 -0.39 -2.48 -29.31
CA PRO B 140 -0.75 -2.84 -30.67
C PRO B 140 0.24 -3.87 -31.17
N PHE B 141 1.50 -3.49 -31.14
CA PHE B 141 2.58 -4.39 -31.52
C PHE B 141 2.96 -5.28 -30.35
N ILE B 142 2.41 -6.49 -30.35
CA ILE B 142 2.71 -7.49 -29.34
C ILE B 142 3.54 -8.67 -29.92
N ASN B 143 4.73 -8.92 -29.40
CA ASN B 143 5.62 -9.92 -29.99
C ASN B 143 6.11 -10.99 -29.01
N GLY B 144 5.89 -10.75 -27.73
CA GLY B 144 6.48 -11.58 -26.71
C GLY B 144 6.09 -13.02 -26.80
N THR B 145 4.80 -13.31 -26.78
CA THR B 145 4.41 -14.70 -26.79
C THR B 145 4.80 -15.37 -28.09
N VAL B 146 4.65 -14.68 -29.23
CA VAL B 146 5.07 -15.25 -30.49
C VAL B 146 6.56 -15.64 -30.50
N ARG B 147 7.44 -14.71 -30.13
CA ARG B 147 8.85 -15.03 -30.09
C ARG B 147 9.22 -16.10 -29.08
N VAL B 148 8.65 -16.07 -27.88
CA VAL B 148 9.00 -17.07 -26.88
C VAL B 148 8.55 -18.47 -27.35
N VAL B 149 7.31 -18.53 -27.86
CA VAL B 149 6.73 -19.78 -28.36
C VAL B 149 7.63 -20.32 -29.50
N GLU B 150 8.02 -19.46 -30.43
CA GLU B 150 8.92 -19.93 -31.49
C GLU B 150 10.28 -20.44 -30.96
N THR B 151 10.79 -19.80 -29.91
CA THR B 151 12.08 -20.18 -29.34
C THR B 151 11.96 -21.57 -28.78
N LEU B 152 10.84 -21.81 -28.10
CA LEU B 152 10.53 -23.11 -27.51
C LEU B 152 10.38 -24.17 -28.58
N MET B 153 9.56 -23.85 -29.56
CA MET B 153 9.26 -24.73 -30.67
C MET B 153 10.53 -25.17 -31.41
N ALA B 154 11.47 -24.24 -31.63
CA ALA B 154 12.69 -24.53 -32.32
C ALA B 154 13.62 -25.45 -31.54
N ARG B 155 13.44 -25.60 -30.24
CA ARG B 155 14.32 -26.52 -29.54
C ARG B 155 13.54 -27.71 -29.01
N ASN B 156 12.40 -27.95 -29.62
CA ASN B 156 11.63 -29.17 -29.41
C ASN B 156 11.08 -29.24 -28.01
N GLU B 157 10.76 -28.07 -27.47
CA GLU B 157 10.17 -27.95 -26.13
C GLU B 157 8.68 -27.59 -26.29
N LEU B 158 7.85 -28.62 -26.35
CA LEU B 158 6.51 -28.46 -26.84
C LEU B 158 5.49 -28.44 -25.71
N ILE B 159 4.72 -27.37 -25.65
CA ILE B 159 3.75 -27.21 -24.59
C ILE B 159 2.56 -28.10 -24.90
N ASP B 160 2.21 -28.95 -23.95
CA ASP B 160 1.06 -29.86 -24.13
C ASP B 160 -0.26 -29.22 -23.77
N MET B 161 -0.27 -28.51 -22.65
CA MET B 161 -1.47 -27.94 -22.05
C MET B 161 -1.11 -26.62 -21.42
N CYS B 162 -2.01 -25.64 -21.52
CA CYS B 162 -1.72 -24.31 -21.04
C CYS B 162 -2.99 -23.61 -20.52
N ILE B 163 -2.90 -23.00 -19.35
CA ILE B 163 -3.95 -22.03 -18.90
C ILE B 163 -3.43 -20.62 -19.13
N VAL B 164 -4.18 -19.88 -19.95
CA VAL B 164 -3.98 -18.45 -20.14
C VAL B 164 -4.86 -17.74 -19.13
N GLY B 165 -4.27 -17.08 -18.16
CA GLY B 165 -5.07 -16.55 -17.06
C GLY B 165 -5.86 -15.27 -17.28
N GLU B 166 -6.22 -14.94 -18.53
CA GLU B 166 -7.03 -13.75 -18.78
C GLU B 166 -8.40 -13.85 -18.10
N PRO B 167 -8.96 -12.70 -17.68
CA PRO B 167 -10.26 -12.71 -17.00
C PRO B 167 -11.37 -13.21 -17.92
N SER B 168 -11.73 -14.48 -17.74
CA SER B 168 -12.67 -15.15 -18.60
C SER B 168 -14.13 -15.03 -18.16
N SER B 169 -14.39 -14.56 -16.93
CA SER B 169 -15.73 -14.73 -16.30
C SER B 169 -16.61 -13.51 -16.41
N THR B 170 -17.90 -13.73 -16.31
CA THR B 170 -18.84 -12.64 -16.54
C THR B 170 -19.33 -12.01 -15.21
N LEU B 171 -19.82 -12.85 -14.28
CA LEU B 171 -20.31 -12.38 -12.98
C LEU B 171 -19.62 -13.04 -11.78
N ALA B 172 -19.21 -14.30 -11.92
CA ALA B 172 -18.61 -15.05 -10.81
C ALA B 172 -17.42 -15.81 -11.36
N VAL B 173 -16.30 -15.85 -10.65
CA VAL B 173 -15.09 -16.45 -11.23
C VAL B 173 -15.41 -17.90 -11.56
N GLY B 174 -15.06 -18.29 -12.79
CA GLY B 174 -15.27 -19.64 -13.29
C GLY B 174 -16.65 -19.89 -13.86
N ASP B 175 -17.45 -18.85 -14.04
CA ASP B 175 -18.73 -19.13 -14.65
C ASP B 175 -18.62 -19.29 -16.16
N VAL B 176 -17.46 -18.93 -16.73
CA VAL B 176 -17.20 -19.06 -18.16
C VAL B 176 -15.72 -19.38 -18.37
N VAL B 177 -15.42 -20.42 -19.15
CA VAL B 177 -14.04 -20.65 -19.60
C VAL B 177 -13.98 -20.59 -21.14
N LYS B 178 -12.82 -20.26 -21.69
CA LYS B 178 -12.61 -20.33 -23.12
C LYS B 178 -11.73 -21.53 -23.42
N ASN B 179 -12.05 -22.28 -24.48
CA ASN B 179 -11.23 -23.44 -24.85
C ASN B 179 -10.62 -23.27 -26.24
N GLY B 180 -9.29 -23.33 -26.31
CA GLY B 180 -8.59 -23.24 -27.58
C GLY B 180 -8.86 -24.46 -28.44
N ARG B 181 -8.79 -24.30 -29.76
CA ARG B 181 -8.86 -25.44 -30.67
C ARG B 181 -7.44 -25.91 -30.97
N ARG B 182 -7.08 -27.13 -30.58
CA ARG B 182 -5.68 -27.54 -30.70
C ARG B 182 -5.28 -27.59 -32.16
N GLY B 183 -4.22 -26.89 -32.52
CA GLY B 183 -3.82 -26.88 -33.91
C GLY B 183 -4.95 -26.41 -34.81
N GLY B 184 -5.69 -25.41 -34.34
CA GLY B 184 -6.83 -24.87 -35.05
C GLY B 184 -8.03 -25.77 -35.18
N GLY B 185 -7.97 -26.95 -34.58
CA GLY B 185 -9.02 -27.95 -34.71
C GLY B 185 -8.56 -29.11 -35.55
N PHE B 186 -7.28 -29.09 -35.94
CA PHE B 186 -6.76 -30.02 -36.95
C PHE B 186 -5.78 -31.04 -36.40
N LEU B 187 -5.61 -31.04 -35.07
CA LEU B 187 -4.77 -32.02 -34.41
C LEU B 187 -5.62 -32.81 -33.44
N THR B 188 -5.17 -33.99 -33.05
CA THR B 188 -5.91 -34.77 -32.06
CA THR B 188 -5.93 -34.76 -32.08
C THR B 188 -5.89 -34.07 -30.70
N ASP B 189 -7.05 -33.97 -30.06
CA ASP B 189 -7.23 -33.27 -28.78
C ASP B 189 -7.82 -34.24 -27.76
N THR B 190 -7.03 -34.67 -26.78
CA THR B 190 -7.53 -35.59 -25.76
C THR B 190 -8.65 -35.03 -24.86
N GLY B 191 -8.83 -33.72 -24.90
CA GLY B 191 -9.70 -33.03 -23.95
C GLY B 191 -9.17 -33.04 -22.52
N GLU B 192 -7.94 -33.49 -22.30
CA GLU B 192 -7.45 -33.68 -20.94
C GLU B 192 -7.47 -32.37 -20.16
N LEU B 193 -6.99 -31.29 -20.77
CA LEU B 193 -6.93 -30.01 -20.06
C LEU B 193 -8.31 -29.49 -19.68
N LEU B 194 -9.23 -29.47 -20.66
CA LEU B 194 -10.56 -28.93 -20.39
C LEU B 194 -11.23 -29.78 -19.32
N ALA B 195 -11.04 -31.11 -19.38
CA ALA B 195 -11.66 -31.97 -18.34
C ALA B 195 -11.19 -31.58 -16.92
N ALA B 196 -9.88 -31.41 -16.77
CA ALA B 196 -9.24 -31.03 -15.51
C ALA B 196 -9.68 -29.65 -15.03
N VAL B 197 -9.76 -28.69 -15.95
CA VAL B 197 -10.12 -27.33 -15.54
C VAL B 197 -11.62 -27.33 -15.16
N VAL B 198 -12.42 -28.07 -15.89
CA VAL B 198 -13.85 -28.12 -15.59
C VAL B 198 -14.06 -28.86 -14.26
N ALA B 199 -13.37 -29.96 -14.06
CA ALA B 199 -13.39 -30.63 -12.75
C ALA B 199 -13.05 -29.66 -11.63
N ALA B 200 -11.95 -28.90 -11.81
CA ALA B 200 -11.47 -27.99 -10.77
C ALA B 200 -12.48 -26.85 -10.49
N VAL B 201 -13.07 -26.30 -11.55
CA VAL B 201 -14.12 -25.30 -11.40
C VAL B 201 -15.35 -25.90 -10.74
N GLU B 202 -15.74 -27.10 -11.14
CA GLU B 202 -16.82 -27.81 -10.44
C GLU B 202 -16.54 -28.10 -8.97
N GLU B 203 -15.30 -28.47 -8.63
CA GLU B 203 -14.98 -28.77 -7.22
CA GLU B 203 -14.95 -28.75 -7.23
C GLU B 203 -14.99 -27.52 -6.35
N VAL B 204 -14.72 -26.37 -6.96
CA VAL B 204 -14.71 -25.12 -6.23
C VAL B 204 -16.07 -24.43 -6.23
N ASN B 205 -16.72 -24.38 -7.38
CA ASN B 205 -17.99 -23.68 -7.54
C ASN B 205 -19.23 -24.59 -7.38
N HIS B 206 -19.06 -25.89 -7.58
CA HIS B 206 -20.17 -26.84 -7.70
C HIS B 206 -21.13 -26.42 -8.83
N GLN B 207 -20.55 -25.85 -9.89
CA GLN B 207 -21.26 -25.46 -11.12
C GLN B 207 -20.30 -25.61 -12.29
N ALA B 208 -20.72 -26.18 -13.43
CA ALA B 208 -19.81 -26.25 -14.56
C ALA B 208 -19.76 -24.87 -15.26
N PRO B 209 -18.61 -24.49 -15.80
CA PRO B 209 -18.55 -23.22 -16.48
C PRO B 209 -19.32 -23.28 -17.81
N ALA B 210 -19.84 -22.16 -18.31
CA ALA B 210 -20.21 -22.04 -19.72
C ALA B 210 -18.96 -22.09 -20.57
N LEU B 211 -19.07 -22.62 -21.79
CA LEU B 211 -17.89 -22.80 -22.62
C LEU B 211 -17.98 -21.96 -23.88
N LEU B 212 -16.86 -21.29 -24.20
CA LEU B 212 -16.64 -20.54 -25.45
C LEU B 212 -15.53 -21.18 -26.24
N THR B 213 -15.72 -21.38 -27.55
CA THR B 213 -14.65 -22.03 -28.33
C THR B 213 -14.09 -21.10 -29.39
N THR B 214 -14.38 -19.83 -29.18
CA THR B 214 -13.97 -18.72 -30.02
C THR B 214 -13.51 -17.57 -29.09
N GLY B 215 -12.86 -16.57 -29.63
N GLY B 215 -13.06 -16.48 -29.69
CA GLY B 215 -12.71 -15.35 -28.91
CA GLY B 215 -12.64 -15.33 -28.92
C GLY B 215 -11.56 -15.13 -27.96
C GLY B 215 -11.32 -15.65 -28.24
N GLY B 216 -10.53 -15.94 -27.98
N GLY B 216 -11.05 -14.96 -27.14
CA GLY B 216 -9.46 -15.76 -26.98
CA GLY B 216 -9.76 -15.12 -26.49
C GLY B 216 -8.51 -14.64 -27.35
C GLY B 216 -8.66 -14.36 -27.19
N THR B 217 -7.50 -14.38 -26.57
CA THR B 217 -6.40 -13.51 -26.98
C THR B 217 -5.65 -14.06 -28.19
N SER B 218 -5.04 -13.17 -28.96
CA SER B 218 -4.19 -13.60 -30.05
C SER B 218 -3.06 -14.49 -29.56
N ASP B 219 -2.48 -14.19 -28.41
CA ASP B 219 -1.40 -15.01 -27.90
C ASP B 219 -1.93 -16.39 -27.45
N GLY B 220 -3.14 -16.40 -26.88
CA GLY B 220 -3.73 -17.68 -26.49
C GLY B 220 -3.92 -18.56 -27.71
N ARG B 221 -4.48 -17.98 -28.77
CA ARG B 221 -4.73 -18.76 -29.97
C ARG B 221 -3.43 -19.14 -30.68
N PHE B 222 -2.40 -18.28 -30.60
CA PHE B 222 -1.12 -18.67 -31.19
C PHE B 222 -0.60 -19.93 -30.53
N ILE B 223 -0.62 -19.98 -29.22
CA ILE B 223 -0.12 -21.14 -28.50
C ILE B 223 -0.93 -22.38 -28.88
N ALA B 224 -2.24 -22.23 -29.04
CA ALA B 224 -3.11 -23.34 -29.46
C ALA B 224 -2.85 -23.73 -30.91
N GLN B 225 -2.52 -22.76 -31.77
CA GLN B 225 -2.24 -23.08 -33.17
C GLN B 225 -1.01 -23.95 -33.29
N MET B 226 -0.04 -23.69 -32.44
CA MET B 226 1.25 -24.35 -32.53
C MET B 226 1.18 -25.73 -31.93
N GLY B 227 0.06 -26.10 -31.30
CA GLY B 227 -0.12 -27.47 -30.84
C GLY B 227 -0.47 -27.72 -29.39
N ALA B 228 -0.70 -26.67 -28.59
CA ALA B 228 -1.14 -26.87 -27.20
C ALA B 228 -2.66 -26.90 -27.05
N GLN B 229 -3.14 -27.71 -26.11
CA GLN B 229 -4.48 -27.50 -25.53
C GLN B 229 -4.39 -26.26 -24.66
N VAL B 230 -5.24 -25.27 -24.93
CA VAL B 230 -5.23 -24.01 -24.18
C VAL B 230 -6.60 -23.70 -23.61
N VAL B 231 -6.65 -23.31 -22.34
CA VAL B 231 -7.86 -22.83 -21.69
C VAL B 231 -7.63 -21.43 -21.11
N GLU B 232 -8.57 -20.53 -21.34
CA GLU B 232 -8.59 -19.26 -20.64
CA GLU B 232 -8.58 -19.25 -20.63
C GLU B 232 -9.52 -19.35 -19.43
N LEU B 233 -8.97 -19.16 -18.23
CA LEU B 233 -9.73 -19.15 -16.98
C LEU B 233 -9.16 -18.05 -16.09
N GLY B 234 -10.02 -17.11 -15.70
CA GLY B 234 -9.59 -16.02 -14.86
C GLY B 234 -10.78 -15.29 -14.27
N PRO B 235 -10.52 -14.14 -13.63
CA PRO B 235 -11.56 -13.37 -12.95
C PRO B 235 -12.61 -12.74 -13.85
N VAL B 236 -13.54 -12.05 -13.22
CA VAL B 236 -14.59 -11.31 -13.89
C VAL B 236 -14.00 -10.20 -14.72
N ASN B 237 -14.47 -10.02 -15.96
CA ASN B 237 -13.85 -9.07 -16.89
C ASN B 237 -14.55 -7.71 -17.05
N ALA B 238 -15.65 -7.50 -16.32
CA ALA B 238 -16.48 -6.29 -16.40
C ALA B 238 -15.68 -4.99 -16.36
N THR B 239 -14.75 -4.87 -15.40
CA THR B 239 -14.07 -3.59 -15.20
C THR B 239 -12.74 -3.51 -15.91
N ILE B 240 -12.36 -4.51 -16.70
CA ILE B 240 -11.03 -4.40 -17.29
C ILE B 240 -11.03 -3.28 -18.34
N HIS B 241 -9.85 -2.69 -18.48
CA HIS B 241 -9.53 -1.59 -19.35
C HIS B 241 -10.27 -0.29 -18.95
N LYS B 242 -11.11 -0.34 -17.91
CA LYS B 242 -11.89 0.82 -17.43
C LYS B 242 -11.33 1.51 -16.19
N VAL B 243 -11.84 2.70 -15.85
CA VAL B 243 -11.38 3.31 -14.62
C VAL B 243 -12.01 2.54 -13.47
N ASN B 244 -11.35 2.55 -12.32
CA ASN B 244 -11.86 1.91 -11.11
C ASN B 244 -11.91 0.42 -11.27
N GLU B 245 -10.95 -0.08 -12.05
CA GLU B 245 -10.73 -1.53 -12.21
C GLU B 245 -10.57 -2.17 -10.87
N CYS B 246 -11.32 -3.25 -10.62
CA CYS B 246 -11.22 -3.91 -9.35
C CYS B 246 -11.53 -5.42 -9.50
N VAL B 247 -11.24 -6.20 -8.47
CA VAL B 247 -11.57 -7.62 -8.50
C VAL B 247 -11.99 -8.09 -7.09
N ARG B 248 -13.00 -8.94 -7.02
CA ARG B 248 -13.45 -9.48 -5.76
C ARG B 248 -12.34 -10.35 -5.14
N ILE B 249 -11.97 -10.07 -3.88
CA ILE B 249 -10.86 -10.74 -3.27
C ILE B 249 -11.18 -12.21 -3.05
N ALA B 250 -12.41 -12.48 -2.66
CA ALA B 250 -12.88 -13.85 -2.51
C ALA B 250 -12.81 -14.64 -3.83
N ASP B 251 -12.88 -13.96 -4.98
CA ASP B 251 -12.72 -14.64 -6.27
C ASP B 251 -11.27 -15.05 -6.51
N LEU B 252 -10.30 -14.18 -6.21
CA LEU B 252 -8.90 -14.60 -6.27
C LEU B 252 -8.66 -15.82 -5.39
N GLU B 253 -9.26 -15.89 -4.21
CA GLU B 253 -9.04 -17.06 -3.37
C GLU B 253 -9.57 -18.32 -4.06
N LYS B 254 -10.76 -18.23 -4.65
CA LYS B 254 -11.33 -19.34 -5.42
C LYS B 254 -10.45 -19.73 -6.63
N LEU B 255 -10.02 -18.73 -7.38
CA LEU B 255 -9.23 -18.94 -8.59
C LEU B 255 -7.94 -19.64 -8.27
N THR B 256 -7.35 -19.34 -7.13
CA THR B 256 -6.12 -19.98 -6.76
C THR B 256 -6.40 -21.47 -6.52
N ASP B 257 -7.50 -21.75 -5.82
CA ASP B 257 -7.98 -23.11 -5.64
C ASP B 257 -8.23 -23.83 -6.96
N MET B 258 -8.83 -23.15 -7.92
CA MET B 258 -9.06 -23.76 -9.22
C MET B 258 -7.76 -24.13 -9.88
N TYR B 259 -6.84 -23.19 -9.96
CA TYR B 259 -5.54 -23.44 -10.55
C TYR B 259 -4.89 -24.61 -9.81
N GLN B 260 -4.92 -24.59 -8.49
CA GLN B 260 -4.23 -25.65 -7.75
C GLN B 260 -4.80 -27.05 -8.02
N LYS B 261 -6.12 -27.12 -8.14
CA LYS B 261 -6.78 -28.42 -8.34
C LYS B 261 -6.49 -28.89 -9.74
N THR B 262 -6.34 -27.95 -10.66
CA THR B 262 -6.03 -28.31 -12.04
C THR B 262 -4.67 -29.00 -12.05
N LEU B 263 -3.72 -28.48 -11.30
CA LEU B 263 -2.42 -29.14 -11.23
C LEU B 263 -2.55 -30.50 -10.55
N ASN B 264 -3.41 -30.60 -9.54
CA ASN B 264 -3.67 -31.91 -8.91
C ASN B 264 -4.19 -32.92 -9.92
N HIS B 265 -5.16 -32.51 -10.75
CA HIS B 265 -5.70 -33.41 -11.76
C HIS B 265 -4.68 -33.84 -12.81
N LEU B 266 -3.83 -32.94 -13.29
CA LEU B 266 -2.96 -33.18 -14.40
C LEU B 266 -1.63 -33.79 -13.99
N LEU B 267 -1.10 -33.40 -12.84
CA LEU B 267 0.27 -33.74 -12.46
C LEU B 267 0.40 -34.35 -11.06
N GLY B 268 -0.71 -34.54 -10.38
CA GLY B 268 -0.70 -35.14 -9.06
C GLY B 268 -0.15 -36.56 -9.06
C1 EDO C . 5.82 28.79 3.72
O1 EDO C . 5.30 30.08 3.97
C2 EDO C . 4.90 27.65 4.11
O2 EDO C . 3.78 27.55 3.27
ZN ZN D . -6.40 9.53 20.84
ZN ZN E . -3.76 11.50 20.02
C1 GOL F . 12.91 11.53 35.08
O1 GOL F . 12.08 10.80 34.22
C2 GOL F . 13.86 10.56 35.78
O2 GOL F . 13.06 9.70 36.55
C3 GOL F . 14.58 9.75 34.72
O3 GOL F . 15.34 10.65 33.94
C1 BU1 G . -11.96 -4.71 3.53
C2 BU1 G . -12.59 -4.73 4.89
C3 BU1 G . -11.49 -5.04 5.86
C4 BU1 G . -12.10 -5.13 7.23
O5 BU1 G . -12.50 -5.78 2.80
O6 BU1 G . -11.20 -5.80 8.08
C1 BU1 H . 9.69 24.17 30.72
C2 BU1 H . 8.86 23.07 30.03
C3 BU1 H . 9.36 21.69 30.42
C4 BU1 H . 10.86 21.71 30.43
O5 BU1 H . 9.62 25.43 30.05
O6 BU1 H . 11.38 20.78 29.52
C1 BU1 I . -3.36 21.12 25.74
C2 BU1 I . -3.93 22.48 25.44
C3 BU1 I . -5.20 22.63 26.24
C4 BU1 I . -4.86 22.67 27.71
O5 BU1 I . -2.33 20.88 24.81
O6 BU1 I . -5.94 22.20 28.49
C1 EDO J . 9.63 32.62 25.71
O1 EDO J . 9.60 32.07 24.41
C2 EDO J . 8.63 33.75 25.78
O2 EDO J . 8.22 34.11 24.45
C1 GOL K . 21.66 20.07 7.97
O1 GOL K . 20.70 20.30 6.95
C2 GOL K . 22.39 18.77 7.66
O2 GOL K . 21.50 17.75 7.25
C3 GOL K . 23.25 18.29 8.83
O3 GOL K . 23.45 16.91 8.67
C1 BU1 L . -8.34 9.14 -5.45
C2 BU1 L . -7.42 9.88 -6.37
C3 BU1 L . -7.62 9.33 -7.76
C4 BU1 L . -6.37 9.53 -8.56
O5 BU1 L . -8.90 10.16 -4.66
O6 BU1 L . -5.24 9.07 -7.83
C1 EDO M . -6.84 11.94 22.55
O1 EDO M . -7.50 10.96 21.73
C2 EDO M . -5.38 12.05 22.13
O2 EDO M . -4.98 10.83 21.50
C1 EDO N . -7.40 -27.17 -1.99
O1 EDO N . -6.90 -26.27 -2.94
C2 EDO N . -6.41 -28.29 -1.79
O2 EDO N . -6.20 -28.96 -3.02
ZN ZN O . -6.28 -6.39 -21.57
ZN ZN P . -5.05 -9.32 -20.39
C1 GOL Q . 12.45 -17.40 -32.19
O1 GOL Q . 11.84 -16.29 -31.57
C2 GOL Q . 13.84 -17.04 -32.67
O2 GOL Q . 13.70 -15.79 -33.33
C3 GOL Q . 14.69 -16.77 -31.44
O3 GOL Q . 14.80 -17.95 -30.66
C1 BU1 R . 3.84 -26.69 -28.90
C2 BU1 R . 3.51 -25.34 -28.28
C3 BU1 R . 4.50 -24.27 -28.65
C4 BU1 R . 5.91 -24.71 -28.35
O5 BU1 R . 2.80 -27.63 -28.59
O6 BU1 R . 5.97 -25.09 -27.00
C1 BU1 S . -7.36 -19.40 -26.66
C2 BU1 S . -8.53 -19.99 -25.94
C3 BU1 S . -9.72 -19.14 -26.28
C4 BU1 S . -10.74 -19.86 -27.14
O5 BU1 S . -6.98 -18.24 -25.98
O6 BU1 S . -10.74 -19.21 -28.38
C1 EDO T . -1.54 -34.03 -23.37
O1 EDO T . -0.89 -34.33 -22.14
C2 EDO T . -3.01 -33.83 -23.14
O2 EDO T . -3.62 -35.03 -22.71
#